data_5CRK
#
_entry.id   5CRK
#
_cell.length_a   88.743
_cell.length_b   89.375
_cell.length_c   159.910
_cell.angle_alpha   90.000
_cell.angle_beta   90.000
_cell.angle_gamma   90.000
#
_symmetry.space_group_name_H-M   'C 2 2 21'
#
loop_
_entity.id
_entity.type
_entity.pdbx_description
1 polymer 'Transcription termination factor 1, mitochondrial'
2 polymer "DNA (5'-D(*AP*TP*TP*AP*CP*CP*GP*GP*GP*CP*TP*CP*TP*GP*CP*CP*AP*TP*CP*TP*TP*A)-3')"
3 polymer "DNA (5'-D(*TP*AP*AP*GP*AP*TP*GP*GP*CP*AP*GP*AP*GP*CP*CP*CP*GP*GP*TP*AP*AP*T)-3')"
4 water water
#
loop_
_entity_poly.entity_id
_entity_poly.type
_entity_poly.pdbx_seq_one_letter_code
_entity_poly.pdbx_strand_id
1 'polypeptide(L)'
;EDLLKNLLTMGVDIDMARKRQPGVFHRMITNEQDLKMFLLSKGASKEVIASIISRYPRAITRTPENLSKRWDLWRKIVTS
DLEIVNILERSPESFFRSNNNLNLENNIKFLYSVGLTRKCLCRLLTNAPRTFSNSLDLNKQMVEFLQAAGLSLGHNDPAD
FVRKIIFKNPAILIQSTKRVKANIEFLRSTFNLNSEELLVLICGPGAEILDLSNDYARRSYANIKEKLFSLGCTEEEVQK
FVLSYPDVIFLAEKKFNDKIDCLMEENISISQIIENPRVLDSSISTLKSRIKELVNAGCNLSTLNITLLSWSKKRYEAKL
KKLS
;
O
2 'polydeoxyribonucleotide'
;(DA)(DT)(DT)(DA)(DC)(DC)(DG)(DG)(DG)(DC)(DT)(DC)(DT)(DG)(DC)(DC)(DA)(DT)(DC)(DT)
(DT)(DA)
;
D
3 'polydeoxyribonucleotide'
;(DT)(DA)(DA)(DG)(DA)(DT)(DG)(DG)(DC)(DA)(DG)(DA)(DG)(DC)(DC)(DC)(DG)(DG)(DT)(DA)
(DA)(DT)
;
E
#
# COMPACT_ATOMS: atom_id res chain seq x y z
N GLU A 1 -31.78 20.07 14.29
CA GLU A 1 -31.72 21.53 13.96
C GLU A 1 -30.33 22.16 14.20
N ASP A 2 -29.75 21.93 15.39
CA ASP A 2 -28.39 22.41 15.71
C ASP A 2 -27.24 21.78 14.87
N LEU A 3 -27.58 20.79 14.03
CA LEU A 3 -26.57 20.02 13.26
C LEU A 3 -25.71 20.85 12.32
N LEU A 4 -26.33 21.40 11.28
CA LEU A 4 -25.61 22.24 10.30
C LEU A 4 -24.80 23.34 10.94
N LYS A 5 -25.24 23.77 12.12
CA LYS A 5 -24.66 24.94 12.78
C LYS A 5 -23.37 24.55 13.48
N ASN A 6 -23.41 23.45 14.20
CA ASN A 6 -22.20 22.92 14.87
C ASN A 6 -21.13 22.53 13.85
N LEU A 7 -21.54 21.77 12.84
CA LEU A 7 -20.61 21.35 11.76
C LEU A 7 -19.85 22.56 11.26
N LEU A 8 -20.57 23.65 11.08
CA LEU A 8 -19.96 24.87 10.65
C LEU A 8 -18.91 25.38 11.62
N THR A 9 -19.25 25.52 12.90
CA THR A 9 -18.28 26.05 13.85
C THR A 9 -17.09 25.12 13.97
N MET A 10 -17.35 23.81 13.83
CA MET A 10 -16.28 22.82 13.81
C MET A 10 -15.33 22.97 12.61
N GLY A 11 -15.86 23.49 11.51
CA GLY A 11 -15.07 23.74 10.26
C GLY A 11 -15.24 22.65 9.19
N VAL A 12 -16.39 22.00 9.23
CA VAL A 12 -16.66 20.91 8.34
C VAL A 12 -17.06 21.43 6.94
N ASP A 13 -16.56 20.76 5.89
CA ASP A 13 -17.06 20.98 4.55
C ASP A 13 -18.42 20.28 4.43
N ILE A 14 -19.47 21.03 4.75
CA ILE A 14 -20.83 20.46 4.82
C ILE A 14 -21.32 19.98 3.48
N ASP A 15 -20.94 20.68 2.41
CA ASP A 15 -21.37 20.27 1.08
C ASP A 15 -20.82 18.90 0.73
N MET A 16 -19.50 18.73 0.87
CA MET A 16 -18.86 17.42 0.61
C MET A 16 -19.46 16.33 1.49
N ALA A 17 -19.63 16.63 2.79
CA ALA A 17 -20.17 15.62 3.71
C ALA A 17 -21.55 15.20 3.28
N ARG A 18 -22.40 16.18 2.95
CA ARG A 18 -23.77 15.93 2.52
C ARG A 18 -23.77 14.99 1.32
N LYS A 19 -22.86 15.23 0.38
CA LYS A 19 -22.81 14.40 -0.82
C LYS A 19 -22.42 12.95 -0.48
N ARG A 20 -21.51 12.79 0.47
CA ARG A 20 -21.01 11.44 0.77
C ARG A 20 -22.02 10.55 1.48
N GLN A 21 -22.64 11.04 2.54
CA GLN A 21 -23.61 10.22 3.29
C GLN A 21 -24.82 11.10 3.67
N PRO A 22 -25.66 11.38 2.68
CA PRO A 22 -26.85 12.21 2.90
C PRO A 22 -27.74 11.75 4.07
N GLY A 23 -27.88 10.43 4.26
CA GLY A 23 -28.73 9.86 5.30
C GLY A 23 -28.42 10.33 6.72
N VAL A 24 -27.19 10.69 6.96
CA VAL A 24 -26.79 11.19 8.27
C VAL A 24 -27.45 12.55 8.55
N PHE A 25 -27.70 13.34 7.51
CA PHE A 25 -28.34 14.66 7.73
C PHE A 25 -29.86 14.61 7.77
N HIS A 26 -30.45 13.43 7.91
CA HIS A 26 -31.87 13.28 8.14
C HIS A 26 -32.12 12.64 9.51
N ARG A 27 -31.09 12.52 10.34
CA ARG A 27 -31.29 11.88 11.64
C ARG A 27 -31.75 12.90 12.66
N MET A 28 -32.57 12.45 13.60
CA MET A 28 -33.07 13.31 14.64
C MET A 28 -31.97 13.57 15.68
N ILE A 29 -31.25 12.54 16.12
CA ILE A 29 -30.10 12.76 17.01
C ILE A 29 -28.77 12.42 16.37
N THR A 30 -27.85 13.36 16.55
CA THR A 30 -26.46 13.24 16.16
C THR A 30 -25.55 13.68 17.31
N ASN A 31 -24.29 13.22 17.29
CA ASN A 31 -23.40 13.38 18.43
C ASN A 31 -22.16 14.12 18.06
N GLU A 32 -22.29 15.06 17.15
CA GLU A 32 -21.11 15.76 16.70
C GLU A 32 -20.37 16.37 17.87
N GLN A 33 -21.12 16.92 18.81
CA GLN A 33 -20.48 17.59 19.94
C GLN A 33 -19.63 16.63 20.76
N ASP A 34 -20.25 15.50 21.09
CA ASP A 34 -19.55 14.51 21.91
C ASP A 34 -18.30 13.99 21.16
N LEU A 35 -18.44 13.73 19.84
CA LEU A 35 -17.35 13.21 19.07
C LEU A 35 -16.21 14.20 19.15
N LYS A 36 -16.51 15.44 18.86
CA LYS A 36 -15.48 16.46 18.89
C LYS A 36 -14.78 16.41 20.22
N MET A 37 -15.55 16.43 21.31
CA MET A 37 -14.92 16.43 22.63
C MET A 37 -14.13 15.13 22.83
N PHE A 38 -14.68 14.00 22.38
CA PHE A 38 -13.95 12.75 22.49
C PHE A 38 -12.60 12.74 21.76
N LEU A 39 -12.60 13.24 20.53
CA LEU A 39 -11.37 13.19 19.74
C LEU A 39 -10.38 14.21 20.28
N LEU A 40 -10.90 15.35 20.71
CA LEU A 40 -10.06 16.36 21.37
C LEU A 40 -9.40 15.82 22.64
N SER A 41 -10.16 15.01 23.37
CA SER A 41 -9.66 14.32 24.57
C SER A 41 -8.43 13.50 24.28
N LYS A 42 -8.27 13.10 23.01
CA LYS A 42 -7.20 12.16 22.61
C LYS A 42 -6.08 12.77 21.82
N GLY A 43 -6.11 14.07 21.64
CA GLY A 43 -4.99 14.78 21.04
C GLY A 43 -5.39 15.32 19.68
N ALA A 44 -6.41 14.77 19.06
CA ALA A 44 -6.75 15.17 17.71
C ALA A 44 -6.96 16.67 17.62
N SER A 45 -6.39 17.27 16.59
CA SER A 45 -6.53 18.70 16.35
C SER A 45 -7.87 19.02 15.75
N LYS A 46 -8.27 20.24 15.95
CA LYS A 46 -9.56 20.70 15.55
C LYS A 46 -9.74 20.48 14.07
N GLU A 47 -8.70 20.77 13.30
CA GLU A 47 -8.76 20.57 11.84
C GLU A 47 -8.93 19.08 11.46
N VAL A 48 -8.18 18.21 12.12
CA VAL A 48 -8.26 16.78 11.83
C VAL A 48 -9.66 16.27 12.12
N ILE A 49 -10.25 16.80 13.18
CA ILE A 49 -11.58 16.37 13.55
C ILE A 49 -12.55 16.74 12.48
N ALA A 50 -12.38 17.97 12.00
CA ALA A 50 -13.20 18.52 10.92
C ALA A 50 -13.01 17.71 9.63
N SER A 51 -11.76 17.42 9.29
CA SER A 51 -11.44 16.58 8.11
C SER A 51 -12.06 15.19 8.27
N ILE A 52 -12.02 14.62 9.48
CA ILE A 52 -12.57 13.27 9.71
C ILE A 52 -14.05 13.23 9.44
N ILE A 53 -14.75 14.17 10.02
CA ILE A 53 -16.18 14.23 9.88
C ILE A 53 -16.55 14.56 8.44
N SER A 54 -15.77 15.43 7.79
CA SER A 54 -16.02 15.83 6.38
C SER A 54 -16.03 14.61 5.45
N ARG A 55 -15.16 13.66 5.73
CA ARG A 55 -15.03 12.49 4.86
C ARG A 55 -15.92 11.34 5.23
N TYR A 56 -16.22 11.17 6.52
CA TYR A 56 -17.10 10.06 6.95
C TYR A 56 -18.03 10.58 8.07
N PRO A 57 -19.05 11.35 7.68
CA PRO A 57 -20.01 11.97 8.55
C PRO A 57 -20.67 11.03 9.54
N ARG A 58 -20.89 9.78 9.14
CA ARG A 58 -21.55 8.83 10.04
C ARG A 58 -20.79 8.67 11.36
N ALA A 59 -19.56 9.19 11.39
CA ALA A 59 -18.76 9.22 12.59
C ALA A 59 -19.51 9.95 13.74
N ILE A 60 -20.31 10.94 13.37
CA ILE A 60 -21.05 11.72 14.33
C ILE A 60 -22.26 10.99 14.86
N THR A 61 -22.49 9.75 14.45
CA THR A 61 -23.63 8.99 14.96
C THR A 61 -23.26 7.94 15.98
N ARG A 62 -22.03 7.99 16.46
CA ARG A 62 -21.55 6.99 17.39
C ARG A 62 -21.62 7.56 18.81
N THR A 63 -21.85 6.70 19.80
CA THR A 63 -21.90 7.16 21.21
C THR A 63 -20.52 7.18 21.91
N PRO A 64 -20.35 8.02 22.94
CA PRO A 64 -19.13 8.06 23.76
C PRO A 64 -18.68 6.69 24.32
N GLU A 65 -19.65 5.83 24.60
CA GLU A 65 -19.34 4.48 25.13
C GLU A 65 -18.70 3.59 24.04
N ASN A 66 -19.35 3.52 22.87
CA ASN A 66 -18.83 2.76 21.73
C ASN A 66 -17.46 3.25 21.33
N LEU A 67 -17.32 4.57 21.14
CA LEU A 67 -16.03 5.15 20.77
C LEU A 67 -14.94 4.80 21.74
N SER A 68 -15.21 4.93 23.02
CA SER A 68 -14.15 4.69 24.00
C SER A 68 -13.79 3.20 24.04
N LYS A 69 -14.79 2.33 23.91
CA LYS A 69 -14.52 0.90 23.89
C LYS A 69 -13.73 0.47 22.63
N ARG A 70 -14.09 1.03 21.46
CA ARG A 70 -13.40 0.75 20.24
C ARG A 70 -11.98 1.25 20.36
N TRP A 71 -11.82 2.45 20.94
CA TRP A 71 -10.49 3.05 21.08
C TRP A 71 -9.63 2.20 21.97
N ASP A 72 -10.21 1.76 23.08
CA ASP A 72 -9.48 0.91 24.03
C ASP A 72 -9.06 -0.39 23.34
N LEU A 73 -9.94 -0.98 22.52
CA LEU A 73 -9.55 -2.20 21.78
C LEU A 73 -8.34 -1.92 20.88
N TRP A 74 -8.38 -0.83 20.14
CA TRP A 74 -7.20 -0.49 19.31
C TRP A 74 -5.95 -0.33 20.14
N ARG A 75 -6.10 0.21 21.35
CA ARG A 75 -4.95 0.36 22.27
C ARG A 75 -4.50 -0.94 22.86
N LYS A 76 -5.24 -2.03 22.63
CA LYS A 76 -4.68 -3.36 22.84
C LYS A 76 -3.61 -3.73 21.80
N ILE A 77 -3.46 -2.90 20.77
CA ILE A 77 -2.57 -3.20 19.66
C ILE A 77 -1.55 -2.11 19.49
N VAL A 78 -2.02 -0.91 19.31
CA VAL A 78 -1.17 0.26 19.17
C VAL A 78 -0.79 0.82 20.57
N THR A 79 0.44 1.26 20.74
CA THR A 79 0.90 1.66 22.05
C THR A 79 0.52 3.08 22.50
N SER A 80 0.17 3.99 21.60
CA SER A 80 -0.14 5.37 21.97
C SER A 80 -1.37 5.94 21.30
N ASP A 81 -1.99 6.93 21.94
CA ASP A 81 -3.15 7.60 21.38
C ASP A 81 -2.81 8.34 20.10
N LEU A 82 -1.61 8.88 20.06
CA LEU A 82 -1.20 9.64 18.90
C LEU A 82 -1.08 8.72 17.62
N GLU A 83 -0.63 7.50 17.81
CA GLU A 83 -0.67 6.53 16.71
C GLU A 83 -2.09 6.32 16.21
N ILE A 84 -3.08 6.37 17.10
CA ILE A 84 -4.47 6.17 16.65
C ILE A 84 -4.98 7.42 15.95
N VAL A 85 -4.55 8.56 16.42
CA VAL A 85 -5.03 9.78 15.80
C VAL A 85 -4.55 9.85 14.38
N ASN A 86 -3.30 9.47 14.15
CA ASN A 86 -2.72 9.55 12.81
C ASN A 86 -3.44 8.62 11.89
N ILE A 87 -3.75 7.42 12.39
CA ILE A 87 -4.47 6.41 11.59
C ILE A 87 -5.80 6.98 11.17
N LEU A 88 -6.53 7.55 12.11
CA LEU A 88 -7.86 8.11 11.81
C LEU A 88 -7.83 9.26 10.84
N GLU A 89 -6.76 10.02 10.86
CA GLU A 89 -6.62 11.14 9.96
C GLU A 89 -6.47 10.57 8.56
N ARG A 90 -5.69 9.49 8.44
CA ARG A 90 -5.41 8.90 7.15
C ARG A 90 -6.61 8.18 6.62
N SER A 91 -7.28 7.45 7.49
CA SER A 91 -8.43 6.63 7.12
C SER A 91 -9.52 6.68 8.15
N PRO A 92 -10.45 7.67 8.02
CA PRO A 92 -11.45 7.67 9.09
C PRO A 92 -12.34 6.47 9.08
N GLU A 93 -12.41 5.78 7.96
CA GLU A 93 -13.43 4.79 7.76
C GLU A 93 -13.16 3.48 8.47
N SER A 94 -11.91 3.13 8.69
CA SER A 94 -11.64 1.86 9.39
C SER A 94 -12.20 1.87 10.80
N PHE A 95 -12.05 3.03 11.47
CA PHE A 95 -12.51 3.19 12.86
C PHE A 95 -14.04 3.28 12.94
N PHE A 96 -14.61 4.11 12.07
CA PHE A 96 -16.00 4.58 12.16
C PHE A 96 -16.99 3.82 11.32
N ARG A 97 -16.54 2.95 10.40
CA ARG A 97 -17.50 2.30 9.46
C ARG A 97 -18.22 1.13 10.08
N SER A 98 -17.80 0.76 11.27
CA SER A 98 -18.50 -0.27 12.03
C SER A 98 -18.66 0.17 13.48
N ASN A 99 -19.80 -0.24 14.04
CA ASN A 99 -20.04 -0.08 15.47
C ASN A 99 -19.93 -1.38 16.24
N ASN A 100 -19.59 -2.45 15.54
CA ASN A 100 -19.60 -3.75 16.10
C ASN A 100 -18.29 -4.07 16.77
N ASN A 101 -18.19 -3.74 18.07
CA ASN A 101 -16.94 -3.93 18.81
C ASN A 101 -16.64 -5.37 19.20
N LEU A 102 -17.67 -6.20 19.23
CA LEU A 102 -17.48 -7.63 19.45
C LEU A 102 -16.74 -8.22 18.26
N ASN A 103 -17.20 -7.90 17.04
CA ASN A 103 -16.55 -8.40 15.82
C ASN A 103 -15.11 -7.99 15.83
N LEU A 104 -14.87 -6.71 16.16
CA LEU A 104 -13.50 -6.23 16.25
C LEU A 104 -12.66 -7.11 17.16
N GLU A 105 -13.20 -7.37 18.33
CA GLU A 105 -12.46 -8.15 19.32
C GLU A 105 -12.18 -9.59 18.85
N ASN A 106 -13.17 -10.19 18.21
CA ASN A 106 -12.98 -11.50 17.58
C ASN A 106 -11.93 -11.49 16.46
N ASN A 107 -11.89 -10.44 15.65
CA ASN A 107 -10.77 -10.27 14.71
C ASN A 107 -9.45 -10.29 15.41
N ILE A 108 -9.36 -9.61 16.53
CA ILE A 108 -8.10 -9.58 17.24
C ILE A 108 -7.76 -10.97 17.76
N LYS A 109 -8.76 -11.69 18.26
CA LYS A 109 -8.57 -13.09 18.73
C LYS A 109 -8.14 -14.00 17.57
N PHE A 110 -8.85 -13.89 16.45
CA PHE A 110 -8.58 -14.71 15.29
C PHE A 110 -7.20 -14.46 14.73
N LEU A 111 -6.80 -13.22 14.62
CA LEU A 111 -5.45 -12.95 14.11
C LEU A 111 -4.38 -13.52 15.03
N TYR A 112 -4.56 -13.39 16.32
CA TYR A 112 -3.62 -14.02 17.26
C TYR A 112 -3.61 -15.53 17.04
N SER A 113 -4.80 -16.08 16.84
CA SER A 113 -4.93 -17.52 16.66
C SER A 113 -4.34 -17.95 15.34
N VAL A 114 -4.00 -16.99 14.49
CA VAL A 114 -3.31 -17.29 13.24
C VAL A 114 -1.80 -17.30 13.47
N GLY A 115 -1.38 -16.90 14.66
CA GLY A 115 0.03 -16.97 15.00
C GLY A 115 0.74 -15.65 14.86
N LEU A 116 0.00 -14.56 14.73
CA LEU A 116 0.63 -13.25 14.57
C LEU A 116 0.96 -12.64 15.92
N THR A 117 2.18 -12.14 16.06
CA THR A 117 2.55 -11.43 17.27
C THR A 117 1.77 -10.14 17.37
N ARG A 118 1.80 -9.55 18.55
CA ARG A 118 1.18 -8.27 18.74
C ARG A 118 1.82 -7.17 17.88
N LYS A 119 3.15 -7.20 17.74
CA LYS A 119 3.83 -6.32 16.79
C LYS A 119 3.28 -6.51 15.34
N CYS A 120 2.87 -7.71 15.01
CA CYS A 120 2.33 -7.96 13.70
C CYS A 120 0.95 -7.35 13.57
N LEU A 121 0.11 -7.53 14.56
CA LEU A 121 -1.22 -6.85 14.57
C LEU A 121 -1.05 -5.33 14.50
N CYS A 122 -0.03 -4.84 15.14
CA CYS A 122 0.22 -3.42 15.09
C CYS A 122 0.57 -2.98 13.66
N ARG A 123 1.44 -3.76 13.01
CA ARG A 123 1.83 -3.52 11.61
C ARG A 123 0.58 -3.51 10.76
N LEU A 124 -0.27 -4.52 10.91
CA LEU A 124 -1.53 -4.58 10.18
C LEU A 124 -2.42 -3.38 10.42
N LEU A 125 -2.59 -3.00 11.68
CA LEU A 125 -3.53 -1.92 11.97
C LEU A 125 -3.00 -0.61 11.41
N THR A 126 -1.72 -0.37 11.59
CA THR A 126 -1.15 0.88 11.08
C THR A 126 -1.16 0.96 9.52
N ASN A 127 -0.85 -0.14 8.85
CA ASN A 127 -0.71 -0.14 7.38
C ASN A 127 -2.01 -0.39 6.64
N ALA A 128 -2.86 -1.21 7.23
CA ALA A 128 -4.12 -1.61 6.61
C ALA A 128 -5.24 -1.69 7.68
N PRO A 129 -5.54 -0.55 8.31
CA PRO A 129 -6.50 -0.49 9.46
C PRO A 129 -7.82 -1.20 9.15
N ARG A 130 -8.18 -1.10 7.87
CA ARG A 130 -9.41 -1.69 7.36
C ARG A 130 -9.50 -3.15 7.78
N THR A 131 -8.37 -3.85 7.77
CA THR A 131 -8.37 -5.24 8.18
C THR A 131 -9.28 -5.45 9.42
N PHE A 132 -9.26 -4.48 10.33
CA PHE A 132 -9.97 -4.61 11.59
C PHE A 132 -11.45 -4.33 11.55
N SER A 133 -11.89 -3.60 10.54
CA SER A 133 -13.30 -3.47 10.27
C SER A 133 -13.88 -4.55 9.34
N ASN A 134 -13.07 -5.42 8.77
CA ASN A 134 -13.63 -6.54 8.01
C ASN A 134 -14.44 -7.40 8.96
N SER A 135 -15.49 -8.05 8.47
CA SER A 135 -16.12 -9.13 9.24
C SER A 135 -15.10 -10.17 9.52
N LEU A 136 -15.33 -10.91 10.60
CA LEU A 136 -14.46 -12.02 10.94
C LEU A 136 -14.44 -12.99 9.76
N ASP A 137 -15.63 -13.28 9.24
CA ASP A 137 -15.78 -14.22 8.15
C ASP A 137 -14.95 -13.83 6.96
N LEU A 138 -14.95 -12.54 6.65
CA LEU A 138 -14.14 -12.09 5.54
C LEU A 138 -12.64 -12.29 5.83
N ASN A 139 -12.17 -11.93 7.03
CA ASN A 139 -10.77 -12.18 7.33
C ASN A 139 -10.47 -13.65 7.32
N LYS A 140 -11.42 -14.47 7.79
CA LYS A 140 -11.26 -15.92 7.70
C LYS A 140 -11.05 -16.37 6.24
N GLN A 141 -11.99 -16.01 5.35
CA GLN A 141 -11.93 -16.42 3.94
C GLN A 141 -10.56 -16.22 3.38
N MET A 142 -10.02 -15.02 3.54
CA MET A 142 -8.71 -14.73 2.99
C MET A 142 -7.64 -15.66 3.54
N VAL A 143 -7.60 -15.80 4.87
CA VAL A 143 -6.62 -16.68 5.53
C VAL A 143 -6.75 -18.12 5.01
N GLU A 144 -7.97 -18.62 4.94
CA GLU A 144 -8.23 -19.95 4.37
C GLU A 144 -7.77 -20.01 2.91
N PHE A 145 -8.20 -19.05 2.10
CA PHE A 145 -7.77 -19.00 0.71
C PHE A 145 -6.25 -19.10 0.60
N LEU A 146 -5.54 -18.37 1.46
CA LEU A 146 -4.11 -18.38 1.41
C LEU A 146 -3.53 -19.69 1.85
N GLN A 147 -4.10 -20.32 2.87
CA GLN A 147 -3.60 -21.62 3.29
C GLN A 147 -3.72 -22.59 2.12
N ALA A 148 -4.95 -22.70 1.60
CA ALA A 148 -5.24 -23.56 0.45
C ALA A 148 -4.29 -23.29 -0.71
N ALA A 149 -4.07 -22.02 -1.03
CA ALA A 149 -3.10 -21.65 -2.07
C ALA A 149 -1.66 -22.04 -1.71
N GLY A 150 -1.31 -21.91 -0.44
CA GLY A 150 0.02 -22.23 0.05
C GLY A 150 0.31 -23.69 -0.18
N LEU A 151 -0.56 -24.57 0.27
CA LEU A 151 -0.28 -25.99 0.14
C LEU A 151 -0.49 -26.48 -1.29
N SER A 152 -1.43 -25.88 -2.03
CA SER A 152 -1.66 -26.27 -3.42
C SER A 152 -0.39 -26.09 -4.22
N LEU A 153 0.50 -25.27 -3.70
CA LEU A 153 1.85 -25.17 -4.22
C LEU A 153 2.76 -25.92 -3.22
N GLY A 154 4.08 -25.85 -3.36
CA GLY A 154 4.91 -26.76 -2.55
C GLY A 154 5.14 -26.50 -1.06
N HIS A 155 4.21 -25.83 -0.37
CA HIS A 155 4.59 -25.21 0.92
C HIS A 155 4.45 -26.20 2.08
N ASN A 156 5.58 -26.37 2.77
CA ASN A 156 5.73 -27.34 3.88
C ASN A 156 4.85 -27.05 5.10
N ASP A 157 4.56 -25.78 5.42
CA ASP A 157 3.47 -25.45 6.40
C ASP A 157 2.69 -24.14 6.12
N PRO A 158 1.48 -24.28 5.55
CA PRO A 158 0.66 -23.17 5.09
C PRO A 158 0.41 -22.07 6.12
N ALA A 159 0.16 -22.42 7.38
CA ALA A 159 -0.07 -21.41 8.39
C ALA A 159 1.11 -20.44 8.46
N ASP A 160 2.33 -20.90 8.15
CA ASP A 160 3.53 -20.02 8.17
C ASP A 160 3.71 -19.21 6.88
N PHE A 161 3.22 -19.77 5.78
CA PHE A 161 3.16 -19.05 4.52
C PHE A 161 2.26 -17.83 4.68
N VAL A 162 1.10 -18.06 5.29
CA VAL A 162 0.19 -16.99 5.61
C VAL A 162 0.87 -15.84 6.32
N ARG A 163 1.59 -16.12 7.39
CA ARG A 163 2.24 -15.04 8.15
C ARG A 163 3.30 -14.32 7.34
N LYS A 164 4.02 -15.06 6.49
CA LYS A 164 5.09 -14.44 5.70
C LYS A 164 4.51 -13.47 4.69
N ILE A 165 3.48 -13.91 4.01
CA ILE A 165 2.81 -13.04 3.06
C ILE A 165 2.23 -11.78 3.77
N ILE A 166 1.61 -11.96 4.93
CA ILE A 166 1.02 -10.84 5.64
C ILE A 166 2.10 -9.86 6.06
N PHE A 167 3.27 -10.34 6.45
CA PHE A 167 4.31 -9.40 6.88
C PHE A 167 4.80 -8.63 5.67
N LYS A 168 4.99 -9.36 4.58
CA LYS A 168 5.64 -8.82 3.39
C LYS A 168 4.63 -7.89 2.72
N ASN A 169 3.36 -8.23 2.84
CA ASN A 169 2.31 -7.46 2.21
C ASN A 169 1.13 -7.17 3.14
N PRO A 170 1.30 -6.14 3.95
CA PRO A 170 0.35 -5.81 5.02
C PRO A 170 -1.05 -5.63 4.47
N ALA A 171 -1.12 -5.30 3.20
CA ALA A 171 -2.42 -5.03 2.63
C ALA A 171 -3.17 -6.25 2.18
N ILE A 172 -2.64 -7.43 2.42
CA ILE A 172 -3.24 -8.61 1.82
C ILE A 172 -4.64 -8.96 2.33
N LEU A 173 -4.92 -8.71 3.60
CA LEU A 173 -6.24 -9.04 4.16
C LEU A 173 -7.37 -8.11 3.79
N ILE A 174 -7.07 -6.98 3.17
CA ILE A 174 -8.13 -6.13 2.63
C ILE A 174 -8.32 -6.20 1.09
N GLN A 175 -7.74 -7.22 0.47
CA GLN A 175 -8.00 -7.53 -0.92
C GLN A 175 -9.05 -8.65 -0.97
N SER A 176 -9.82 -8.67 -2.04
CA SER A 176 -10.72 -9.78 -2.33
C SER A 176 -9.89 -11.02 -2.70
N THR A 177 -10.44 -12.20 -2.49
CA THR A 177 -9.71 -13.42 -2.83
C THR A 177 -9.65 -13.56 -4.36
N LYS A 178 -10.72 -13.10 -5.02
CA LYS A 178 -10.76 -13.00 -6.46
C LYS A 178 -9.51 -12.26 -6.97
N ARG A 179 -9.22 -11.09 -6.41
CA ARG A 179 -8.07 -10.30 -6.90
C ARG A 179 -6.74 -11.03 -6.73
N VAL A 180 -6.55 -11.59 -5.57
CA VAL A 180 -5.26 -12.17 -5.25
C VAL A 180 -5.07 -13.40 -6.11
N LYS A 181 -6.13 -14.22 -6.22
CA LYS A 181 -6.17 -15.41 -7.09
C LYS A 181 -5.75 -15.08 -8.51
N ALA A 182 -6.39 -14.07 -9.09
CA ALA A 182 -6.04 -13.59 -10.41
C ALA A 182 -4.59 -13.17 -10.50
N ASN A 183 -4.03 -12.63 -9.42
CA ASN A 183 -2.68 -12.13 -9.52
C ASN A 183 -1.70 -13.26 -9.44
N ILE A 184 -2.11 -14.33 -8.80
CA ILE A 184 -1.25 -15.49 -8.70
C ILE A 184 -1.23 -16.19 -10.04
N GLU A 185 -2.39 -16.30 -10.69
CA GLU A 185 -2.50 -16.95 -11.96
C GLU A 185 -1.80 -16.15 -13.01
N PHE A 186 -1.96 -14.83 -12.94
CA PHE A 186 -1.22 -13.94 -13.83
C PHE A 186 0.25 -14.22 -13.74
N LEU A 187 0.78 -14.31 -12.53
CA LEU A 187 2.21 -14.56 -12.36
C LEU A 187 2.59 -15.92 -12.91
N ARG A 188 1.78 -16.92 -12.65
CA ARG A 188 2.13 -18.28 -13.05
C ARG A 188 2.19 -18.31 -14.58
N SER A 189 1.14 -17.79 -15.21
CA SER A 189 0.95 -17.89 -16.65
C SER A 189 1.96 -17.08 -17.40
N THR A 190 2.11 -15.85 -17.00
CA THR A 190 2.96 -14.92 -17.69
C THR A 190 4.40 -15.42 -17.75
N PHE A 191 4.87 -16.08 -16.70
CA PHE A 191 6.31 -16.36 -16.61
C PHE A 191 6.62 -17.81 -16.95
N ASN A 192 7.16 -18.60 -16.03
CA ASN A 192 7.38 -20.01 -16.33
C ASN A 192 6.09 -20.79 -16.13
N LEU A 193 5.76 -21.25 -14.92
CA LEU A 193 6.47 -20.98 -13.68
C LEU A 193 6.20 -22.15 -12.70
N ASN A 194 7.28 -22.83 -12.33
CA ASN A 194 7.23 -23.94 -11.37
C ASN A 194 6.99 -23.49 -9.93
N SER A 195 6.25 -24.30 -9.17
CA SER A 195 5.76 -23.88 -7.86
C SER A 195 6.85 -23.29 -7.00
N GLU A 196 8.03 -23.90 -7.00
CA GLU A 196 9.07 -23.47 -6.07
C GLU A 196 9.59 -22.05 -6.38
N GLU A 197 9.58 -21.70 -7.67
CA GLU A 197 9.93 -20.34 -8.11
C GLU A 197 8.75 -19.37 -7.88
N LEU A 198 7.53 -19.88 -8.02
CA LEU A 198 6.33 -19.11 -7.71
C LEU A 198 6.30 -18.73 -6.22
N LEU A 199 6.53 -19.71 -5.34
CA LEU A 199 6.65 -19.44 -3.91
C LEU A 199 7.64 -18.35 -3.61
N VAL A 200 8.87 -18.49 -4.09
CA VAL A 200 9.90 -17.49 -3.73
C VAL A 200 9.44 -16.10 -4.12
N LEU A 201 8.94 -16.04 -5.35
CA LEU A 201 8.49 -14.79 -5.95
C LEU A 201 7.36 -14.17 -5.11
N ILE A 202 6.38 -14.99 -4.80
CA ILE A 202 5.28 -14.61 -3.94
C ILE A 202 5.64 -14.18 -2.52
N CYS A 203 6.60 -14.88 -1.91
CA CYS A 203 7.04 -14.63 -0.51
C CYS A 203 8.15 -13.62 -0.46
N GLY A 204 8.68 -13.31 -1.64
CA GLY A 204 9.77 -12.37 -1.75
C GLY A 204 9.30 -11.23 -2.62
N PRO A 205 10.04 -10.98 -3.69
CA PRO A 205 10.01 -9.68 -4.37
C PRO A 205 8.66 -9.36 -4.98
N GLY A 206 7.90 -10.43 -5.25
CA GLY A 206 6.62 -10.34 -5.94
C GLY A 206 5.42 -10.39 -5.02
N ALA A 207 5.67 -10.25 -3.74
CA ALA A 207 4.64 -10.15 -2.73
C ALA A 207 3.62 -9.02 -2.96
N GLU A 208 4.06 -7.78 -3.21
CA GLU A 208 3.11 -6.65 -3.42
C GLU A 208 2.37 -6.64 -4.78
N ILE A 209 2.78 -7.52 -5.69
CA ILE A 209 1.95 -7.79 -6.86
C ILE A 209 0.57 -8.28 -6.45
N LEU A 210 0.50 -8.91 -5.28
CA LEU A 210 -0.67 -9.68 -4.91
C LEU A 210 -1.88 -8.84 -4.70
N ASP A 211 -1.66 -7.56 -4.43
CA ASP A 211 -2.74 -6.62 -4.11
C ASP A 211 -3.05 -5.65 -5.26
N LEU A 212 -2.38 -5.85 -6.40
CA LEU A 212 -2.68 -5.10 -7.61
C LEU A 212 -4.08 -5.37 -8.08
N SER A 213 -4.71 -4.32 -8.62
CA SER A 213 -6.09 -4.43 -9.08
C SER A 213 -6.16 -5.23 -10.37
N ASN A 214 -7.17 -6.05 -10.56
CA ASN A 214 -7.33 -6.68 -11.85
C ASN A 214 -6.68 -5.92 -13.01
N ASP A 215 -6.05 -6.65 -13.90
CA ASP A 215 -5.85 -6.13 -15.21
C ASP A 215 -4.98 -4.94 -15.14
N TYR A 216 -4.74 -4.42 -13.97
CA TYR A 216 -3.70 -3.40 -13.88
C TYR A 216 -2.30 -4.00 -13.98
N ALA A 217 -2.12 -5.21 -13.45
CA ALA A 217 -0.85 -5.90 -13.59
C ALA A 217 -0.63 -6.33 -15.06
N ARG A 218 -1.66 -6.95 -15.63
CA ARG A 218 -1.53 -7.50 -16.98
C ARG A 218 -1.15 -6.35 -17.91
N ARG A 219 -1.88 -5.27 -17.77
CA ARG A 219 -1.67 -4.11 -18.59
C ARG A 219 -0.31 -3.44 -18.40
N SER A 220 0.20 -3.39 -17.18
CA SER A 220 1.49 -2.79 -16.96
C SER A 220 2.55 -3.66 -17.59
N TYR A 221 2.38 -4.97 -17.48
CA TYR A 221 3.41 -5.89 -18.02
C TYR A 221 3.46 -5.73 -19.54
N ALA A 222 2.28 -5.79 -20.15
CA ALA A 222 2.12 -5.60 -21.59
C ALA A 222 2.83 -4.34 -22.04
N ASN A 223 2.72 -3.29 -21.26
CA ASN A 223 3.37 -2.09 -21.68
C ASN A 223 4.86 -2.21 -21.61
N ILE A 224 5.34 -2.88 -20.56
CA ILE A 224 6.78 -3.05 -20.36
C ILE A 224 7.34 -3.85 -21.54
N LYS A 225 6.57 -4.86 -21.95
CA LYS A 225 6.99 -5.84 -22.95
C LYS A 225 7.07 -5.14 -24.29
N GLU A 226 6.01 -4.41 -24.63
CA GLU A 226 6.01 -3.56 -25.82
C GLU A 226 7.16 -2.56 -25.86
N LYS A 227 7.29 -1.79 -24.81
CA LYS A 227 8.31 -0.79 -24.77
C LYS A 227 9.69 -1.41 -24.90
N LEU A 228 9.87 -2.59 -24.30
CA LEU A 228 11.22 -3.18 -24.28
C LEU A 228 11.51 -3.85 -25.66
N PHE A 229 10.49 -4.50 -26.20
CA PHE A 229 10.50 -5.05 -27.55
C PHE A 229 10.90 -4.00 -28.56
N SER A 230 10.23 -2.86 -28.52
CA SER A 230 10.57 -1.75 -29.39
C SER A 230 12.01 -1.33 -29.27
N LEU A 231 12.69 -1.78 -28.23
CA LEU A 231 14.09 -1.35 -28.04
C LEU A 231 15.06 -2.48 -28.32
N GLY A 232 14.56 -3.64 -28.78
CA GLY A 232 15.45 -4.76 -29.13
C GLY A 232 15.81 -5.67 -27.99
N CYS A 233 14.90 -5.78 -27.02
CA CYS A 233 14.98 -6.77 -25.96
C CYS A 233 14.10 -7.94 -26.29
N THR A 234 14.62 -9.12 -26.10
CA THR A 234 13.83 -10.33 -26.34
C THR A 234 12.87 -10.60 -25.21
N GLU A 235 11.93 -11.49 -25.43
CA GLU A 235 10.99 -11.82 -24.43
C GLU A 235 11.70 -12.39 -23.20
N GLU A 236 12.67 -13.25 -23.38
CA GLU A 236 13.37 -13.80 -22.24
C GLU A 236 14.07 -12.72 -21.48
N GLU A 237 14.58 -11.74 -22.20
CA GLU A 237 15.26 -10.64 -21.54
C GLU A 237 14.22 -9.85 -20.69
N VAL A 238 13.03 -9.61 -21.26
CA VAL A 238 11.96 -8.89 -20.62
C VAL A 238 11.59 -9.58 -19.35
N GLN A 239 11.41 -10.90 -19.45
CA GLN A 239 11.03 -11.70 -18.30
C GLN A 239 12.09 -11.65 -17.21
N LYS A 240 13.31 -11.84 -17.61
CA LYS A 240 14.36 -11.83 -16.66
C LYS A 240 14.32 -10.49 -15.93
N PHE A 241 14.05 -9.43 -16.67
CA PHE A 241 14.17 -8.08 -16.14
C PHE A 241 13.09 -7.84 -15.08
N VAL A 242 11.85 -8.16 -15.43
CA VAL A 242 10.77 -8.00 -14.54
C VAL A 242 10.86 -8.91 -13.33
N LEU A 243 11.28 -10.14 -13.51
CA LEU A 243 11.37 -11.02 -12.37
C LEU A 243 12.50 -10.60 -11.48
N SER A 244 13.55 -10.02 -12.05
CA SER A 244 14.62 -9.52 -11.19
C SER A 244 14.20 -8.30 -10.30
N TYR A 245 13.04 -7.72 -10.59
CA TYR A 245 12.57 -6.53 -9.93
C TYR A 245 11.13 -6.18 -10.26
N PRO A 246 10.20 -6.96 -9.73
CA PRO A 246 8.77 -6.82 -10.05
C PRO A 246 8.16 -5.49 -9.61
N ASP A 247 8.83 -4.75 -8.73
CA ASP A 247 8.40 -3.40 -8.38
C ASP A 247 8.14 -2.53 -9.60
N VAL A 248 8.86 -2.80 -10.69
CA VAL A 248 8.69 -2.03 -11.92
C VAL A 248 7.27 -2.05 -12.46
N ILE A 249 6.53 -3.10 -12.15
CA ILE A 249 5.13 -3.21 -12.54
C ILE A 249 4.28 -2.11 -11.96
N PHE A 250 4.73 -1.51 -10.84
CA PHE A 250 3.93 -0.60 -10.03
C PHE A 250 3.86 0.73 -10.74
N LEU A 251 4.92 1.12 -11.42
CA LEU A 251 4.92 2.38 -12.19
C LEU A 251 3.77 2.42 -13.20
N ALA A 252 3.21 3.61 -13.46
CA ALA A 252 2.23 3.80 -14.56
C ALA A 252 2.95 3.74 -15.88
N GLU A 253 2.24 3.31 -16.91
CA GLU A 253 2.86 3.11 -18.22
C GLU A 253 3.64 4.32 -18.62
N LYS A 254 3.02 5.48 -18.54
CA LYS A 254 3.69 6.67 -19.06
C LYS A 254 4.95 6.95 -18.27
N LYS A 255 4.92 6.65 -16.99
CA LYS A 255 6.04 6.96 -16.14
C LYS A 255 7.18 6.00 -16.39
N PHE A 256 6.85 4.74 -16.52
CA PHE A 256 7.82 3.76 -16.92
C PHE A 256 8.50 4.18 -18.25
N ASN A 257 7.69 4.51 -19.24
CA ASN A 257 8.19 4.87 -20.58
C ASN A 257 9.03 6.11 -20.51
N ASP A 258 8.50 7.11 -19.82
CA ASP A 258 9.19 8.37 -19.68
C ASP A 258 10.52 8.13 -19.01
N LYS A 259 10.58 7.14 -18.11
CA LYS A 259 11.78 6.99 -17.32
C LYS A 259 12.86 6.31 -18.17
N ILE A 260 12.42 5.38 -18.98
CA ILE A 260 13.32 4.79 -19.91
C ILE A 260 13.87 5.87 -20.80
N ASP A 261 12.97 6.66 -21.37
CA ASP A 261 13.34 7.63 -22.40
C ASP A 261 14.30 8.67 -21.84
N CYS A 262 14.06 9.09 -20.61
CA CYS A 262 14.87 10.13 -20.04
C CYS A 262 16.29 9.62 -19.91
N LEU A 263 16.44 8.33 -19.67
CA LEU A 263 17.79 7.77 -19.57
C LEU A 263 18.45 7.68 -20.92
N MET A 264 17.72 7.17 -21.87
CA MET A 264 18.32 6.86 -23.15
C MET A 264 18.58 8.08 -24.02
N GLU A 265 17.86 9.16 -23.76
CA GLU A 265 18.12 10.43 -24.42
C GLU A 265 19.51 10.92 -24.10
N GLU A 266 20.05 10.46 -22.97
CA GLU A 266 21.41 10.77 -22.55
C GLU A 266 22.33 9.65 -22.94
N ASN A 267 21.85 8.82 -23.85
CA ASN A 267 22.64 7.81 -24.52
C ASN A 267 23.04 6.66 -23.60
N ILE A 268 22.17 6.38 -22.64
CA ILE A 268 22.28 5.19 -21.84
C ILE A 268 21.62 4.08 -22.63
N SER A 269 22.20 2.89 -22.67
CA SER A 269 21.65 1.82 -23.51
C SER A 269 20.56 1.14 -22.76
N ILE A 270 19.66 0.50 -23.48
CA ILE A 270 18.63 -0.29 -22.83
C ILE A 270 19.24 -1.44 -22.01
N SER A 271 20.39 -1.91 -22.44
CA SER A 271 21.02 -3.00 -21.74
C SER A 271 21.49 -2.56 -20.36
N GLN A 272 22.05 -1.36 -20.32
CA GLN A 272 22.54 -0.82 -19.06
C GLN A 272 21.40 -0.67 -18.05
N ILE A 273 20.23 -0.31 -18.57
CA ILE A 273 19.01 -0.11 -17.80
C ILE A 273 18.49 -1.43 -17.22
N ILE A 274 18.27 -2.44 -18.06
CA ILE A 274 17.66 -3.66 -17.58
C ILE A 274 18.58 -4.57 -16.80
N GLU A 275 19.88 -4.28 -16.87
CA GLU A 275 20.85 -5.00 -16.03
C GLU A 275 21.00 -4.36 -14.63
N ASN A 276 20.50 -3.12 -14.49
CA ASN A 276 20.52 -2.38 -13.21
C ASN A 276 19.13 -1.80 -12.93
N PRO A 277 18.16 -2.67 -12.74
CA PRO A 277 16.79 -2.27 -12.68
C PRO A 277 16.45 -1.28 -11.53
N ARG A 278 17.25 -1.24 -10.49
CA ARG A 278 16.90 -0.31 -9.40
C ARG A 278 16.98 1.14 -9.81
N VAL A 279 17.69 1.46 -10.90
CA VAL A 279 17.73 2.85 -11.32
C VAL A 279 16.31 3.34 -11.54
N LEU A 280 15.37 2.42 -11.83
CA LEU A 280 13.97 2.79 -12.08
C LEU A 280 13.19 3.12 -10.81
N ASP A 281 13.83 2.99 -9.66
CA ASP A 281 13.25 3.45 -8.39
C ASP A 281 13.29 4.99 -8.39
N SER A 282 14.44 5.58 -8.76
CA SER A 282 14.59 7.01 -8.74
C SER A 282 13.54 7.70 -9.57
N SER A 283 13.15 8.91 -9.15
CA SER A 283 12.12 9.67 -9.83
C SER A 283 12.73 10.26 -11.06
N ILE A 284 11.90 10.68 -11.99
CA ILE A 284 12.44 11.32 -13.18
C ILE A 284 13.26 12.57 -12.81
N SER A 285 12.78 13.35 -11.84
CA SER A 285 13.46 14.59 -11.39
C SER A 285 14.86 14.29 -10.88
N THR A 286 14.95 13.24 -10.06
CA THR A 286 16.23 12.81 -9.50
C THR A 286 17.15 12.28 -10.60
N LEU A 287 16.61 11.42 -11.45
CA LEU A 287 17.40 10.95 -12.57
C LEU A 287 17.96 12.11 -13.37
N LYS A 288 17.08 13.02 -13.80
CA LYS A 288 17.50 14.14 -14.69
C LYS A 288 18.54 14.99 -13.99
N SER A 289 18.25 15.33 -12.74
CA SER A 289 19.16 16.11 -11.92
C SER A 289 20.56 15.49 -11.87
N ARG A 290 20.66 14.21 -11.52
CA ARG A 290 21.97 13.55 -11.41
C ARG A 290 22.68 13.39 -12.74
N ILE A 291 21.91 13.08 -13.77
CA ILE A 291 22.47 12.97 -15.09
C ILE A 291 23.12 14.26 -15.51
N LYS A 292 22.42 15.36 -15.29
CA LYS A 292 22.97 16.68 -15.60
C LYS A 292 24.33 16.79 -14.91
N GLU A 293 24.33 16.64 -13.59
CA GLU A 293 25.54 16.78 -12.78
C GLU A 293 26.71 15.95 -13.31
N LEU A 294 26.41 14.71 -13.69
CA LEU A 294 27.45 13.79 -14.15
C LEU A 294 28.00 14.22 -15.48
N VAL A 295 27.13 14.45 -16.46
CA VAL A 295 27.61 14.83 -17.79
C VAL A 295 28.26 16.18 -17.68
N ASN A 296 27.71 17.05 -16.83
CA ASN A 296 28.29 18.36 -16.55
C ASN A 296 29.72 18.18 -16.00
N ALA A 297 30.01 16.97 -15.52
CA ALA A 297 31.38 16.58 -15.21
C ALA A 297 31.87 15.68 -16.35
N GLY A 298 33.05 15.11 -16.20
CA GLY A 298 33.66 14.40 -17.31
C GLY A 298 32.87 13.25 -17.93
N CYS A 299 31.75 12.88 -17.33
CA CYS A 299 31.15 11.59 -17.63
C CYS A 299 30.52 11.44 -18.99
N ASN A 300 30.88 10.30 -19.61
CA ASN A 300 30.24 9.75 -20.77
C ASN A 300 29.43 8.55 -20.28
N LEU A 301 28.15 8.80 -20.09
CA LEU A 301 27.25 7.96 -19.35
C LEU A 301 27.00 6.72 -20.15
N SER A 302 27.53 6.68 -21.37
CA SER A 302 27.43 5.52 -22.24
C SER A 302 28.21 4.31 -21.68
N THR A 303 29.33 4.59 -21.03
CA THR A 303 30.25 3.54 -20.56
C THR A 303 30.40 3.51 -19.06
N LEU A 304 29.88 4.53 -18.39
CA LEU A 304 29.88 4.58 -16.95
C LEU A 304 28.96 3.51 -16.37
N ASN A 305 29.30 3.04 -15.18
CA ASN A 305 28.44 2.15 -14.42
C ASN A 305 27.34 2.94 -13.72
N ILE A 306 26.12 2.77 -14.18
CA ILE A 306 25.02 3.67 -13.80
C ILE A 306 24.34 3.34 -12.49
N THR A 307 24.90 2.43 -11.70
CA THR A 307 24.24 2.05 -10.45
C THR A 307 24.09 3.22 -9.51
N LEU A 308 25.00 4.17 -9.62
CA LEU A 308 24.93 5.37 -8.75
C LEU A 308 23.64 6.17 -8.94
N LEU A 309 22.98 6.01 -10.08
CA LEU A 309 21.77 6.74 -10.37
C LEU A 309 20.71 6.44 -9.36
N SER A 310 20.78 5.28 -8.71
CA SER A 310 19.82 4.92 -7.68
C SER A 310 20.35 4.87 -6.26
N TRP A 311 21.58 5.32 -6.05
CA TRP A 311 22.11 5.34 -4.70
C TRP A 311 21.48 6.47 -3.88
N SER A 312 21.54 6.30 -2.56
CA SER A 312 21.16 7.33 -1.61
C SER A 312 21.83 8.67 -1.89
N LYS A 313 21.19 9.76 -1.51
CA LYS A 313 21.81 11.08 -1.57
C LYS A 313 23.25 11.00 -1.11
N LYS A 314 23.45 10.50 0.11
CA LYS A 314 24.79 10.46 0.71
C LYS A 314 25.83 9.76 -0.15
N ARG A 315 25.48 8.57 -0.63
CA ARG A 315 26.42 7.77 -1.42
C ARG A 315 26.67 8.31 -2.80
N TYR A 316 25.60 8.77 -3.44
CA TYR A 316 25.71 9.42 -4.73
C TYR A 316 26.56 10.67 -4.62
N GLU A 317 26.22 11.56 -3.68
CA GLU A 317 26.88 12.88 -3.56
C GLU A 317 28.38 12.71 -3.33
N ALA A 318 28.74 11.66 -2.59
CA ALA A 318 30.16 11.33 -2.35
C ALA A 318 30.89 10.91 -3.61
N LYS A 319 30.32 9.95 -4.32
CA LYS A 319 30.89 9.52 -5.61
C LYS A 319 31.04 10.69 -6.59
N LEU A 320 30.10 11.62 -6.54
CA LEU A 320 30.12 12.76 -7.45
C LEU A 320 31.32 13.66 -7.15
N LYS A 321 31.53 14.01 -5.88
CA LYS A 321 32.71 14.79 -5.46
C LYS A 321 33.97 14.17 -6.02
N LYS A 322 34.12 12.88 -5.75
CA LYS A 322 35.27 12.15 -6.24
C LYS A 322 35.42 12.24 -7.75
N LEU A 323 34.31 12.23 -8.48
CA LEU A 323 34.37 12.35 -9.94
C LEU A 323 34.88 13.71 -10.47
N SER A 324 35.33 14.58 -9.54
CA SER A 324 35.95 15.86 -9.89
C SER A 324 37.00 16.27 -8.85
#